data_3SP9
#
_entry.id   3SP9
#
_cell.length_a   49.124
_cell.length_b   111.905
_cell.length_c   55.012
_cell.angle_alpha   90.00
_cell.angle_beta   93.15
_cell.angle_gamma   90.00
#
_symmetry.space_group_name_H-M   'P 1 21 1'
#
loop_
_entity.id
_entity.type
_entity.pdbx_description
1 polymer 'Peroxisome proliferator-activated receptor delta'
2 non-polymer '(5E)-5-[(3aS,4R,5R,6aS)-5-hydroxy-4-[(1E,3S,4R)-3-hydroxy-4-methyloct-1-en-6-yn-1-yl]hexahydropentalen-2(1H)-ylidene]pentanoic acid'
3 water water
#
_entity_poly.entity_id   1
_entity_poly.type   'polypeptide(L)'
_entity_poly.pdbx_seq_one_letter_code
;HHHHHHLVPRGSADLKAFSKHIYNAYLKNFNMTKKKARSILTGKASHTAPFVIHDIETLWQAEKGLVWKQLVNGLPPYKE
ISVHVFYRCQCTTVETVRELTEFAKSIPSFSSLFLNDQVTLLKYGVHEAIFAMLASIVNKDGLLVANGSGFVTREFLRSL
RKPFSDIIEPKFEFAVKFNALELDDSDLALFIAAIILCGDRPGLMNVPRVEAIQDTILRALEFHLQANHPDAQYLFPKLL
QKMADLRQLVTEHAQMMQRIKKTETETSLHPLLQEIYKDMY
;
_entity_poly.pdbx_strand_id   A,B
#
# COMPACT_ATOMS: atom_id res chain seq x y z
N ALA A 13 -7.14 28.48 -15.61
CA ALA A 13 -6.95 29.26 -14.40
C ALA A 13 -6.85 28.37 -13.16
N ASP A 14 -5.98 28.75 -12.23
CA ASP A 14 -5.83 28.02 -10.98
C ASP A 14 -5.69 26.51 -11.19
N LEU A 15 -6.56 25.75 -10.53
CA LEU A 15 -6.51 24.28 -10.57
C LEU A 15 -6.43 23.85 -12.02
N LYS A 16 -7.18 24.53 -12.87
CA LYS A 16 -7.12 24.32 -14.31
C LYS A 16 -5.72 24.57 -14.88
N ALA A 17 -5.13 25.69 -14.49
CA ALA A 17 -3.78 26.02 -14.95
C ALA A 17 -2.71 25.14 -14.29
N PHE A 18 -2.98 24.70 -13.07
CA PHE A 18 -2.05 23.84 -12.36
C PHE A 18 -2.03 22.50 -13.09
N SER A 19 -3.21 21.97 -13.39
CA SER A 19 -3.34 20.71 -14.10
C SER A 19 -2.61 20.75 -15.43
N LYS A 20 -2.73 21.87 -16.12
CA LYS A 20 -2.06 22.09 -17.42
C LYS A 20 -0.55 22.17 -17.30
N HIS A 21 -0.06 22.84 -16.26
CA HIS A 21 1.39 22.99 -16.07
C HIS A 21 2.04 21.63 -15.84
N ILE A 22 1.40 20.80 -15.03
CA ILE A 22 1.95 19.48 -14.74
C ILE A 22 1.91 18.66 -16.04
N TYR A 23 0.86 18.87 -16.83
CA TYR A 23 0.73 18.12 -18.06
C TYR A 23 1.86 18.50 -19.01
N ASN A 24 2.08 19.79 -19.19
CA ASN A 24 3.17 20.26 -20.05
C ASN A 24 4.53 19.68 -19.63
N ALA A 25 4.83 19.72 -18.33
CA ALA A 25 6.05 19.12 -17.79
C ALA A 25 6.14 17.61 -18.10
N TYR A 26 5.01 16.94 -18.06
CA TYR A 26 4.95 15.51 -18.40
C TYR A 26 5.33 15.33 -19.87
N LEU A 27 4.68 16.09 -20.76
CA LEU A 27 4.97 16.05 -22.19
C LEU A 27 6.44 16.32 -22.50
N LYS A 28 7.05 17.15 -21.68
CA LYS A 28 8.44 17.56 -21.88
C LYS A 28 9.44 16.51 -21.41
N ASN A 29 9.01 15.64 -20.48
CA ASN A 29 9.95 14.71 -19.87
C ASN A 29 9.84 13.26 -20.33
N PHE A 30 8.67 12.89 -20.82
CA PHE A 30 8.47 11.52 -21.27
C PHE A 30 8.13 11.54 -22.75
N ASN A 31 9.02 11.03 -23.58
CA ASN A 31 8.75 11.11 -25.01
C ASN A 31 7.82 10.03 -25.54
N MET A 32 7.80 8.88 -24.87
CA MET A 32 6.76 7.90 -25.14
C MET A 32 5.57 8.14 -24.22
N THR A 33 4.44 8.49 -24.81
CA THR A 33 3.27 8.79 -24.03
C THR A 33 2.23 7.72 -24.34
N LYS A 34 1.14 7.72 -23.58
CA LYS A 34 0.07 6.79 -23.86
C LYS A 34 -0.53 7.06 -25.23
N LYS A 35 -0.60 8.34 -25.60
CA LYS A 35 -1.22 8.70 -26.86
C LYS A 35 -0.45 8.06 -28.00
N LYS A 36 0.84 8.35 -28.02
CA LYS A 36 1.75 7.75 -28.97
C LYS A 36 1.58 6.22 -28.94
N ALA A 37 1.72 5.64 -27.75
CA ALA A 37 1.64 4.19 -27.60
C ALA A 37 0.40 3.62 -28.28
N ARG A 38 -0.77 4.16 -27.96
CA ARG A 38 -2.00 3.62 -28.52
C ARG A 38 -2.04 3.82 -30.03
N SER A 39 -1.46 4.91 -30.50
CA SER A 39 -1.43 5.21 -31.91
C SER A 39 -0.64 4.16 -32.68
N ILE A 40 0.38 3.62 -32.04
CA ILE A 40 1.22 2.58 -32.63
C ILE A 40 0.53 1.23 -32.55
N LEU A 41 0.03 0.90 -31.36
CA LEU A 41 -0.58 -0.40 -31.11
C LEU A 41 -1.79 -0.67 -32.00
N THR A 42 -2.57 0.36 -32.29
CA THR A 42 -3.78 0.13 -33.07
C THR A 42 -3.46 0.14 -34.57
N GLY A 43 -2.25 0.59 -34.91
CA GLY A 43 -1.81 0.59 -36.29
C GLY A 43 -2.03 1.91 -37.01
N LYS A 44 -2.35 2.97 -36.25
CA LYS A 44 -2.73 4.26 -36.83
C LYS A 44 -1.56 5.05 -37.40
N ALA A 45 -0.46 5.13 -36.65
CA ALA A 45 0.64 6.00 -37.01
C ALA A 45 1.65 5.24 -37.85
N SER A 46 1.38 4.03 -38.09
CA SER A 46 2.35 3.11 -38.13
C SER A 46 2.83 2.87 -39.45
N HIS A 47 1.99 2.24 -40.29
CA HIS A 47 2.24 1.51 -41.57
C HIS A 47 3.06 0.25 -41.41
N THR A 48 4.22 0.50 -40.98
CA THR A 48 5.10 -0.58 -40.55
C THR A 48 4.94 -0.86 -39.04
N ALA A 49 4.43 -2.04 -38.70
CA ALA A 49 4.28 -2.43 -37.31
C ALA A 49 5.64 -2.54 -36.59
N PRO A 50 5.65 -2.40 -35.25
CA PRO A 50 6.87 -2.63 -34.46
C PRO A 50 7.46 -4.03 -34.67
N PHE A 51 8.79 -4.12 -34.63
CA PHE A 51 9.43 -5.42 -34.71
C PHE A 51 9.13 -6.15 -33.41
N VAL A 52 8.78 -7.42 -33.51
CA VAL A 52 8.32 -8.20 -32.36
C VAL A 52 9.44 -9.05 -31.76
N ILE A 53 9.70 -8.84 -30.47
CA ILE A 53 10.60 -9.70 -29.74
C ILE A 53 9.79 -10.76 -29.01
N HIS A 54 9.99 -12.02 -29.39
CA HIS A 54 9.18 -13.11 -28.84
C HIS A 54 10.03 -14.36 -28.62
N ASP A 55 11.31 -14.27 -28.94
CA ASP A 55 12.26 -15.31 -28.58
C ASP A 55 13.69 -14.81 -28.63
N ILE A 56 14.62 -15.75 -28.47
CA ILE A 56 16.03 -15.46 -28.46
C ILE A 56 16.53 -14.90 -29.80
N GLU A 57 16.07 -15.48 -30.90
CA GLU A 57 16.49 -15.03 -32.23
C GLU A 57 16.06 -13.59 -32.45
N THR A 58 14.77 -13.35 -32.32
CA THR A 58 14.21 -12.01 -32.54
C THR A 58 14.81 -10.96 -31.61
N LEU A 59 15.12 -11.35 -30.38
CA LEU A 59 15.78 -10.46 -29.42
C LEU A 59 17.15 -10.05 -29.95
N TRP A 60 17.88 -11.03 -30.47
CA TRP A 60 19.15 -10.80 -31.14
C TRP A 60 19.00 -9.83 -32.33
N GLN A 61 18.11 -10.17 -33.27
CA GLN A 61 17.81 -9.27 -34.39
C GLN A 61 17.52 -7.85 -33.90
N ALA A 62 16.65 -7.74 -32.90
CA ALA A 62 16.16 -6.44 -32.46
C ALA A 62 17.30 -5.56 -31.97
N GLU A 63 18.30 -6.18 -31.34
CA GLU A 63 19.43 -5.43 -30.81
C GLU A 63 20.42 -5.02 -31.89
N LYS A 64 20.45 -5.75 -33.00
CA LYS A 64 21.30 -5.39 -34.11
C LYS A 64 20.53 -4.68 -35.22
N GLY A 65 19.88 -3.57 -34.85
CA GLY A 65 19.40 -2.63 -35.84
C GLY A 65 17.92 -2.28 -35.80
N LEU A 66 17.07 -3.30 -35.73
CA LEU A 66 15.64 -3.09 -35.90
C LEU A 66 15.00 -2.38 -34.72
N VAL A 67 15.51 -2.62 -33.52
CA VAL A 67 14.98 -1.97 -32.33
C VAL A 67 16.07 -1.14 -31.66
N TRP A 68 17.16 -1.80 -31.29
CA TRP A 68 18.34 -1.13 -30.79
C TRP A 68 19.41 -1.23 -31.88
N LYS A 69 20.03 -0.11 -32.20
CA LYS A 69 20.93 -0.04 -33.36
C LYS A 69 22.40 0.21 -33.02
N GLN A 70 22.91 -0.44 -31.98
CA GLN A 70 24.28 -0.18 -31.56
C GLN A 70 25.11 -1.44 -31.74
N LEU A 71 26.38 -1.27 -32.11
CA LEU A 71 27.23 -2.42 -32.42
C LEU A 71 27.57 -3.23 -31.17
N VAL A 72 27.74 -2.54 -30.04
CA VAL A 72 28.01 -3.19 -28.77
C VAL A 72 26.98 -2.70 -27.76
N ASN A 73 26.17 -3.62 -27.22
CA ASN A 73 24.94 -3.27 -26.50
C ASN A 73 25.09 -2.53 -25.17
N GLY A 74 26.32 -2.43 -24.66
CA GLY A 74 26.55 -1.78 -23.38
C GLY A 74 25.91 -2.43 -22.15
N LEU A 75 25.44 -3.67 -22.27
CA LEU A 75 24.85 -4.37 -21.13
C LEU A 75 25.92 -5.14 -20.38
N PRO A 76 25.70 -5.41 -19.08
CA PRO A 76 26.65 -6.24 -18.33
C PRO A 76 26.72 -7.63 -18.94
N PRO A 77 27.73 -8.43 -18.57
CA PRO A 77 27.88 -9.79 -19.08
C PRO A 77 26.74 -10.70 -18.61
N TYR A 78 26.24 -11.54 -19.51
CA TYR A 78 25.14 -12.44 -19.19
C TYR A 78 25.37 -13.79 -19.85
N LYS A 79 24.95 -14.85 -19.18
CA LYS A 79 25.18 -16.21 -19.65
C LYS A 79 23.91 -16.95 -20.05
N GLU A 80 22.77 -16.26 -20.04
CA GLU A 80 21.50 -16.92 -20.33
C GLU A 80 20.44 -15.90 -20.72
N ILE A 81 19.35 -16.37 -21.31
CA ILE A 81 18.36 -15.45 -21.88
C ILE A 81 17.61 -14.64 -20.82
N SER A 82 17.29 -15.29 -19.71
CA SER A 82 16.54 -14.64 -18.63
C SER A 82 17.25 -13.44 -18.03
N VAL A 83 18.56 -13.57 -17.83
CA VAL A 83 19.36 -12.48 -17.27
C VAL A 83 19.55 -11.37 -18.30
N HIS A 84 19.71 -11.75 -19.56
CA HIS A 84 19.87 -10.79 -20.64
C HIS A 84 18.66 -9.86 -20.69
N VAL A 85 17.46 -10.44 -20.72
CA VAL A 85 16.21 -9.67 -20.77
C VAL A 85 16.07 -8.81 -19.53
N PHE A 86 16.43 -9.38 -18.38
CA PHE A 86 16.38 -8.62 -17.13
C PHE A 86 17.28 -7.39 -17.22
N TYR A 87 18.42 -7.51 -17.89
CA TYR A 87 19.26 -6.33 -18.08
C TYR A 87 18.54 -5.26 -18.89
N ARG A 88 17.80 -5.70 -19.93
CA ARG A 88 16.94 -4.79 -20.72
C ARG A 88 15.89 -4.16 -19.83
N CYS A 89 15.32 -4.95 -18.93
CA CYS A 89 14.30 -4.42 -18.03
C CYS A 89 14.88 -3.32 -17.18
N GLN A 90 16.06 -3.57 -16.61
CA GLN A 90 16.72 -2.56 -15.79
C GLN A 90 17.03 -1.29 -16.58
N CYS A 91 17.43 -1.45 -17.85
CA CYS A 91 17.75 -0.29 -18.67
C CYS A 91 16.52 0.62 -18.83
N THR A 92 15.38 0.04 -19.20
CA THR A 92 14.14 0.80 -19.30
C THR A 92 13.82 1.55 -18.00
N THR A 93 13.83 0.84 -16.88
CA THR A 93 13.53 1.42 -15.57
C THR A 93 14.43 2.61 -15.24
N VAL A 94 15.74 2.41 -15.34
CA VAL A 94 16.70 3.51 -15.23
C VAL A 94 16.31 4.72 -16.13
N GLU A 95 15.96 4.46 -17.38
CA GLU A 95 15.52 5.51 -18.29
C GLU A 95 14.38 6.31 -17.65
N THR A 96 13.33 5.59 -17.26
CA THR A 96 12.14 6.20 -16.69
C THR A 96 12.45 6.89 -15.36
N VAL A 97 13.36 6.31 -14.58
CA VAL A 97 13.80 6.92 -13.33
C VAL A 97 14.37 8.31 -13.59
N ARG A 98 15.30 8.40 -14.57
CA ARG A 98 15.87 9.70 -14.95
C ARG A 98 14.78 10.71 -15.33
N GLU A 99 13.82 10.28 -16.12
CA GLU A 99 12.77 11.22 -16.55
C GLU A 99 11.91 11.65 -15.37
N LEU A 100 11.60 10.72 -14.47
CA LEU A 100 10.81 11.03 -13.28
C LEU A 100 11.48 12.11 -12.41
N THR A 101 12.78 11.95 -12.14
CA THR A 101 13.50 12.91 -11.30
C THR A 101 13.53 14.32 -11.92
N GLU A 102 13.62 14.40 -13.25
CA GLU A 102 13.54 15.69 -13.95
C GLU A 102 12.12 16.26 -13.97
N PHE A 103 11.13 15.37 -14.12
CA PHE A 103 9.73 15.76 -14.05
C PHE A 103 9.40 16.34 -12.67
N ALA A 104 9.97 15.75 -11.62
CA ALA A 104 9.68 16.20 -10.25
C ALA A 104 10.13 17.65 -10.02
N LYS A 105 11.15 18.09 -10.76
CA LYS A 105 11.59 19.47 -10.69
C LYS A 105 10.50 20.48 -11.08
N SER A 106 9.50 20.06 -11.87
CA SER A 106 8.46 20.98 -12.29
C SER A 106 7.27 20.95 -11.36
N ILE A 107 7.38 20.14 -10.31
CA ILE A 107 6.30 20.07 -9.33
C ILE A 107 6.50 21.24 -8.38
N PRO A 108 5.54 22.18 -8.35
CA PRO A 108 5.69 23.40 -7.56
C PRO A 108 6.10 23.15 -6.11
N SER A 109 7.23 23.71 -5.69
CA SER A 109 7.66 23.61 -4.30
C SER A 109 8.41 22.34 -3.90
N PHE A 110 8.48 21.39 -4.81
CA PHE A 110 9.26 20.16 -4.61
C PHE A 110 10.75 20.44 -4.42
N SER A 111 11.33 21.21 -5.34
CA SER A 111 12.76 21.47 -5.33
C SER A 111 13.17 22.28 -4.10
N SER A 112 12.20 22.85 -3.40
CA SER A 112 12.51 23.70 -2.25
C SER A 112 12.47 22.92 -0.93
N LEU A 113 12.12 21.64 -1.01
CA LEU A 113 12.15 20.78 0.17
C LEU A 113 13.59 20.53 0.58
N PHE A 114 13.80 20.01 1.78
CA PHE A 114 15.11 19.46 2.15
C PHE A 114 15.55 18.54 1.01
N LEU A 115 16.81 18.65 0.61
CA LEU A 115 17.38 17.70 -0.32
C LEU A 115 17.11 16.25 0.08
N ASN A 116 17.25 15.94 1.37
CA ASN A 116 17.05 14.56 1.87
C ASN A 116 15.63 14.07 1.64
N ASP A 117 14.68 14.99 1.64
CA ASP A 117 13.29 14.64 1.41
C ASP A 117 13.01 14.46 -0.07
N GLN A 118 13.58 15.33 -0.91
CA GLN A 118 13.51 15.11 -2.35
C GLN A 118 14.01 13.68 -2.67
N VAL A 119 15.20 13.34 -2.16
CA VAL A 119 15.77 12.01 -2.35
C VAL A 119 14.79 10.93 -1.89
N THR A 120 14.26 11.08 -0.68
CA THR A 120 13.35 10.09 -0.09
C THR A 120 12.09 9.86 -0.92
N LEU A 121 11.45 10.94 -1.33
CA LEU A 121 10.24 10.88 -2.15
C LEU A 121 10.51 10.13 -3.45
N LEU A 122 11.62 10.45 -4.10
CA LEU A 122 11.90 9.81 -5.37
C LEU A 122 12.37 8.36 -5.18
N LYS A 123 13.16 8.11 -4.14
CA LYS A 123 13.61 6.75 -3.86
C LYS A 123 12.40 5.82 -3.65
N TYR A 124 11.35 6.35 -3.02
CA TYR A 124 10.17 5.56 -2.66
C TYR A 124 8.98 5.77 -3.62
N GLY A 125 9.14 6.64 -4.61
CA GLY A 125 8.06 6.94 -5.51
C GLY A 125 8.27 6.57 -6.96
N VAL A 126 9.52 6.54 -7.44
CA VAL A 126 9.72 6.31 -8.86
C VAL A 126 9.12 4.98 -9.31
N HIS A 127 9.42 3.89 -8.61
CA HIS A 127 8.80 2.60 -8.93
C HIS A 127 7.25 2.61 -8.92
N GLU A 128 6.63 3.29 -7.98
CA GLU A 128 5.17 3.38 -8.05
C GLU A 128 4.70 4.09 -9.32
N ALA A 129 5.40 5.15 -9.72
CA ALA A 129 5.03 5.91 -10.91
C ALA A 129 5.32 5.13 -12.18
N ILE A 130 6.47 4.46 -12.20
CA ILE A 130 6.85 3.62 -13.31
C ILE A 130 5.81 2.52 -13.52
N PHE A 131 5.33 1.95 -12.42
CA PHE A 131 4.34 0.88 -12.51
C PHE A 131 2.98 1.41 -12.96
N ALA A 132 2.64 2.64 -12.57
CA ALA A 132 1.42 3.27 -13.09
C ALA A 132 1.56 3.60 -14.58
N MET A 133 2.71 4.14 -15.00
CA MET A 133 2.89 4.48 -16.40
C MET A 133 3.06 3.27 -17.31
N LEU A 134 3.35 2.12 -16.72
CA LEU A 134 3.59 0.93 -17.51
C LEU A 134 2.37 0.58 -18.33
N ALA A 135 1.19 0.73 -17.75
CA ALA A 135 -0.02 0.41 -18.47
C ALA A 135 -0.06 1.11 -19.83
N SER A 136 0.55 2.29 -19.90
CA SER A 136 0.52 3.14 -21.11
C SER A 136 1.02 2.47 -22.37
N ILE A 137 2.05 1.66 -22.24
CA ILE A 137 2.71 1.05 -23.39
C ILE A 137 2.43 -0.45 -23.47
N VAL A 138 1.36 -0.88 -22.81
CA VAL A 138 1.01 -2.28 -22.65
C VAL A 138 -0.30 -2.65 -23.35
N ASN A 139 -0.39 -3.88 -23.84
CA ASN A 139 -1.70 -4.52 -23.99
C ASN A 139 -1.65 -5.90 -23.34
N LYS A 140 -2.73 -6.67 -23.45
CA LYS A 140 -2.73 -7.94 -22.74
C LYS A 140 -1.70 -8.89 -23.33
N ASP A 141 -1.27 -8.65 -24.57
CA ASP A 141 -0.36 -9.56 -25.28
C ASP A 141 1.12 -9.17 -25.20
N GLY A 142 1.40 -7.92 -24.86
CA GLY A 142 2.78 -7.49 -24.68
C GLY A 142 2.96 -5.99 -24.52
N LEU A 143 4.19 -5.52 -24.69
CA LEU A 143 4.50 -4.12 -24.43
C LEU A 143 5.49 -3.53 -25.42
N LEU A 144 5.37 -2.22 -25.64
CA LEU A 144 6.24 -1.51 -26.55
C LEU A 144 7.60 -1.26 -25.91
N VAL A 145 8.65 -1.29 -26.71
CA VAL A 145 9.98 -0.90 -26.23
C VAL A 145 10.64 0.06 -27.21
N ALA A 146 11.58 0.86 -26.70
CA ALA A 146 12.42 1.72 -27.52
C ALA A 146 11.58 2.68 -28.35
N ASN A 147 10.84 3.55 -27.67
CA ASN A 147 9.94 4.49 -28.34
C ASN A 147 9.07 3.84 -29.41
N GLY A 148 8.64 2.61 -29.16
CA GLY A 148 7.61 1.96 -29.95
C GLY A 148 8.10 1.25 -31.19
N SER A 149 9.41 1.18 -31.38
CA SER A 149 9.95 0.49 -32.54
C SER A 149 9.93 -1.02 -32.34
N GLY A 150 9.93 -1.43 -31.07
CA GLY A 150 9.86 -2.84 -30.71
C GLY A 150 8.62 -3.18 -29.91
N PHE A 151 8.26 -4.45 -29.94
CA PHE A 151 7.12 -4.96 -29.18
C PHE A 151 7.50 -6.33 -28.63
N VAL A 152 7.55 -6.44 -27.31
CA VAL A 152 7.93 -7.67 -26.62
C VAL A 152 6.66 -8.38 -26.16
N THR A 153 6.56 -9.69 -26.40
CA THR A 153 5.35 -10.43 -26.07
C THR A 153 5.26 -10.83 -24.60
N ARG A 154 4.07 -10.76 -24.03
CA ARG A 154 3.85 -11.28 -22.69
C ARG A 154 4.34 -12.73 -22.56
N GLU A 155 4.11 -13.53 -23.49
CA GLU A 155 4.53 -14.83 -23.59
C GLU A 155 5.97 -15.14 -23.48
N PHE A 156 6.73 -14.34 -24.14
CA PHE A 156 8.17 -14.40 -24.07
C PHE A 156 8.59 -14.10 -22.63
N LEU A 157 8.05 -13.01 -22.08
CA LEU A 157 8.39 -12.65 -20.71
C LEU A 157 7.98 -13.72 -19.69
N ARG A 158 6.85 -14.38 -19.90
CA ARG A 158 6.46 -15.46 -18.97
C ARG A 158 7.29 -16.73 -19.11
N SER A 159 8.06 -16.85 -20.18
CA SER A 159 8.87 -18.04 -20.44
C SER A 159 10.26 -17.99 -19.79
N LEU A 160 10.63 -16.81 -19.30
CA LEU A 160 11.90 -16.67 -18.59
C LEU A 160 11.86 -17.53 -17.33
N ARG A 161 13.01 -17.96 -16.84
CA ARG A 161 13.00 -18.77 -15.63
C ARG A 161 12.68 -17.91 -14.40
N LYS A 162 12.17 -18.54 -13.35
CA LYS A 162 12.06 -17.88 -12.06
C LYS A 162 13.49 -17.59 -11.62
N PRO A 163 13.72 -16.48 -10.90
CA PRO A 163 12.70 -15.57 -10.40
C PRO A 163 12.36 -14.45 -11.37
N PHE A 164 12.89 -14.52 -12.59
CA PHE A 164 12.76 -13.37 -13.51
C PHE A 164 11.37 -13.14 -14.08
N SER A 165 10.70 -14.20 -14.53
CA SER A 165 9.30 -14.14 -14.91
C SER A 165 8.41 -13.68 -13.74
N ASP A 166 8.64 -14.24 -12.56
CA ASP A 166 7.88 -13.88 -11.37
C ASP A 166 7.97 -12.40 -11.01
N ILE A 167 9.11 -11.80 -11.29
CA ILE A 167 9.30 -10.40 -10.94
C ILE A 167 8.49 -9.54 -11.90
N ILE A 168 8.31 -10.03 -13.12
CA ILE A 168 7.71 -9.22 -14.16
C ILE A 168 6.20 -9.30 -14.17
N GLU A 169 5.67 -10.49 -14.00
CA GLU A 169 4.23 -10.71 -14.13
C GLU A 169 3.33 -9.77 -13.32
N PRO A 170 3.59 -9.62 -12.01
CA PRO A 170 2.67 -8.82 -11.19
C PRO A 170 2.49 -7.41 -11.74
N LYS A 171 3.58 -6.82 -12.23
CA LYS A 171 3.54 -5.49 -12.82
C LYS A 171 2.72 -5.55 -14.09
N PHE A 172 2.97 -6.57 -14.90
CA PHE A 172 2.18 -6.74 -16.11
C PHE A 172 0.69 -6.82 -15.76
N GLU A 173 0.34 -7.60 -14.74
CA GLU A 173 -1.06 -7.77 -14.36
C GLU A 173 -1.70 -6.50 -13.84
N PHE A 174 -0.91 -5.69 -13.15
CA PHE A 174 -1.41 -4.42 -12.65
C PHE A 174 -1.63 -3.45 -13.80
N ALA A 175 -0.68 -3.40 -14.73
CA ALA A 175 -0.73 -2.54 -15.89
C ALA A 175 -1.99 -2.77 -16.72
N VAL A 176 -2.23 -4.03 -17.09
CA VAL A 176 -3.39 -4.37 -17.89
C VAL A 176 -4.70 -3.96 -17.20
N LYS A 177 -4.83 -4.26 -15.91
CA LYS A 177 -6.06 -3.92 -15.19
C LYS A 177 -6.22 -2.40 -15.01
N PHE A 178 -5.11 -1.70 -14.84
CA PHE A 178 -5.09 -0.25 -14.68
C PHE A 178 -5.66 0.42 -15.93
N ASN A 179 -5.44 -0.18 -17.09
CA ASN A 179 -5.99 0.36 -18.33
C ASN A 179 -7.51 0.43 -18.37
N ALA A 180 -8.17 -0.35 -17.52
CA ALA A 180 -9.62 -0.32 -17.46
C ALA A 180 -10.12 1.04 -16.98
N LEU A 181 -9.22 1.87 -16.47
CA LEU A 181 -9.62 3.18 -15.97
C LEU A 181 -9.72 4.22 -17.10
N GLU A 182 -9.15 3.90 -18.26
CA GLU A 182 -9.22 4.78 -19.43
C GLU A 182 -8.61 6.16 -19.20
N LEU A 183 -7.55 6.24 -18.41
CA LEU A 183 -6.88 7.50 -18.18
C LEU A 183 -6.11 7.92 -19.42
N ASP A 184 -5.89 9.22 -19.59
CA ASP A 184 -5.00 9.68 -20.64
C ASP A 184 -3.79 10.36 -20.04
N ASP A 185 -2.94 10.90 -20.89
CA ASP A 185 -1.69 11.51 -20.46
C ASP A 185 -1.85 12.70 -19.49
N SER A 186 -2.88 13.53 -19.68
CA SER A 186 -3.08 14.66 -18.79
C SER A 186 -3.60 14.21 -17.42
N ASP A 187 -4.29 13.08 -17.38
CA ASP A 187 -4.67 12.45 -16.11
C ASP A 187 -3.42 11.89 -15.41
N LEU A 188 -2.61 11.15 -16.17
CA LEU A 188 -1.40 10.51 -15.65
C LEU A 188 -0.37 11.49 -15.08
N ALA A 189 -0.15 12.61 -15.76
CA ALA A 189 0.69 13.69 -15.24
C ALA A 189 0.38 13.97 -13.75
N LEU A 190 -0.87 14.31 -13.45
CA LEU A 190 -1.24 14.60 -12.08
C LEU A 190 -1.11 13.40 -11.13
N PHE A 191 -1.42 12.21 -11.63
CA PHE A 191 -1.41 10.99 -10.81
C PHE A 191 0.01 10.66 -10.36
N ILE A 192 0.95 10.68 -11.30
CA ILE A 192 2.33 10.43 -10.92
C ILE A 192 2.92 11.51 -9.96
N ALA A 193 2.53 12.76 -10.15
CA ALA A 193 2.89 13.81 -9.19
C ALA A 193 2.38 13.51 -7.77
N ALA A 194 1.10 13.14 -7.68
CA ALA A 194 0.52 12.75 -6.40
C ALA A 194 1.24 11.52 -5.83
N ILE A 195 1.74 10.65 -6.70
CA ILE A 195 2.46 9.47 -6.23
C ILE A 195 3.76 9.88 -5.56
N ILE A 196 4.52 10.73 -6.25
CA ILE A 196 5.82 11.17 -5.77
C ILE A 196 5.74 12.01 -4.46
N LEU A 197 4.68 12.80 -4.32
CA LEU A 197 4.51 13.63 -3.13
C LEU A 197 3.77 12.93 -1.99
N CYS A 198 4.10 11.68 -1.77
CA CYS A 198 3.50 10.86 -0.71
C CYS A 198 4.10 11.14 0.66
N GLY A 199 3.26 11.36 1.68
CA GLY A 199 3.73 11.79 2.97
C GLY A 199 4.21 10.68 3.90
N ASP A 200 4.00 9.43 3.46
CA ASP A 200 4.23 8.28 4.33
C ASP A 200 5.50 7.51 3.98
N ARG A 201 6.41 8.12 3.20
CA ARG A 201 7.64 7.43 2.81
C ARG A 201 8.53 7.30 4.02
N PRO A 202 9.09 6.10 4.25
CA PRO A 202 9.95 5.92 5.42
C PRO A 202 11.04 6.97 5.46
N GLY A 203 11.24 7.58 6.62
CA GLY A 203 12.30 8.57 6.77
C GLY A 203 12.09 9.99 6.27
N LEU A 204 10.85 10.39 5.96
CA LEU A 204 10.63 11.80 5.58
C LEU A 204 10.87 12.69 6.80
N MET A 205 11.52 13.82 6.58
CA MET A 205 11.89 14.72 7.67
C MET A 205 10.83 15.79 7.97
N ASN A 206 10.18 16.27 6.93
CA ASN A 206 9.16 17.31 7.10
C ASN A 206 7.88 16.86 6.39
N VAL A 207 7.11 16.03 7.08
CA VAL A 207 5.91 15.44 6.50
C VAL A 207 4.86 16.50 6.16
N PRO A 208 4.60 17.45 7.07
CA PRO A 208 3.56 18.45 6.76
C PRO A 208 3.84 19.25 5.50
N ARG A 209 5.09 19.67 5.27
CA ARG A 209 5.41 20.35 4.02
C ARG A 209 5.13 19.46 2.80
N VAL A 210 5.55 18.20 2.85
CA VAL A 210 5.33 17.29 1.73
C VAL A 210 3.84 17.08 1.46
N GLU A 211 3.06 17.02 2.53
CA GLU A 211 1.63 16.76 2.41
C GLU A 211 0.83 17.96 1.89
N ALA A 212 1.33 19.16 2.17
CA ALA A 212 0.65 20.36 1.68
C ALA A 212 0.80 20.40 0.17
N ILE A 213 1.97 20.02 -0.32
CA ILE A 213 2.16 20.00 -1.77
C ILE A 213 1.25 18.93 -2.38
N GLN A 214 1.28 17.71 -1.83
CA GLN A 214 0.44 16.63 -2.37
C GLN A 214 -1.01 17.09 -2.42
N ASP A 215 -1.46 17.73 -1.36
CA ASP A 215 -2.79 18.32 -1.29
C ASP A 215 -3.13 19.16 -2.52
N THR A 216 -2.21 20.04 -2.93
CA THR A 216 -2.49 20.85 -4.12
C THR A 216 -2.64 19.96 -5.35
N ILE A 217 -1.77 18.95 -5.47
CA ILE A 217 -1.88 17.99 -6.56
C ILE A 217 -3.21 17.22 -6.52
N LEU A 218 -3.60 16.75 -5.34
CA LEU A 218 -4.83 15.97 -5.20
C LEU A 218 -6.06 16.82 -5.57
N ARG A 219 -6.03 18.10 -5.20
CA ARG A 219 -7.11 19.02 -5.52
C ARG A 219 -7.25 19.20 -7.02
N ALA A 220 -6.12 19.40 -7.70
CA ALA A 220 -6.17 19.55 -9.16
C ALA A 220 -6.52 18.24 -9.85
N LEU A 221 -6.06 17.12 -9.31
CA LEU A 221 -6.41 15.80 -9.86
C LEU A 221 -7.91 15.55 -9.82
N GLU A 222 -8.51 15.74 -8.66
CA GLU A 222 -9.96 15.60 -8.56
C GLU A 222 -10.63 16.55 -9.56
N PHE A 223 -10.15 17.80 -9.59
CA PHE A 223 -10.65 18.80 -10.53
C PHE A 223 -10.55 18.34 -11.98
N HIS A 224 -9.36 17.92 -12.38
CA HIS A 224 -9.12 17.52 -13.76
C HIS A 224 -9.95 16.29 -14.15
N LEU A 225 -9.93 15.26 -13.29
CA LEU A 225 -10.72 14.07 -13.53
C LEU A 225 -12.19 14.37 -13.85
N GLN A 226 -12.81 15.24 -13.07
CA GLN A 226 -14.23 15.55 -13.34
C GLN A 226 -14.37 16.35 -14.63
N ALA A 227 -13.40 17.20 -14.93
CA ALA A 227 -13.42 17.95 -16.19
C ALA A 227 -13.19 17.03 -17.38
N ASN A 228 -12.22 16.14 -17.25
CA ASN A 228 -11.79 15.28 -18.34
C ASN A 228 -12.65 14.02 -18.49
N HIS A 229 -13.28 13.60 -17.40
CA HIS A 229 -14.12 12.41 -17.42
C HIS A 229 -15.43 12.68 -16.71
N PRO A 230 -16.29 13.52 -17.30
CA PRO A 230 -17.54 13.92 -16.66
C PRO A 230 -18.44 12.72 -16.37
N ASP A 231 -18.39 11.71 -17.23
CA ASP A 231 -19.27 10.56 -17.09
C ASP A 231 -18.74 9.48 -16.15
N ALA A 232 -17.47 9.57 -15.73
CA ALA A 232 -16.88 8.58 -14.84
C ALA A 232 -16.92 9.01 -13.37
N GLN A 233 -18.07 8.76 -12.72
CA GLN A 233 -18.37 9.28 -11.38
C GLN A 233 -17.34 9.00 -10.29
N TYR A 234 -16.86 7.76 -10.24
CA TYR A 234 -16.00 7.37 -9.14
C TYR A 234 -14.55 7.13 -9.56
N LEU A 235 -14.09 7.94 -10.49
CA LEU A 235 -12.74 7.78 -11.01
C LEU A 235 -11.73 8.20 -9.96
N PHE A 236 -11.97 9.35 -9.34
CA PHE A 236 -11.10 9.86 -8.30
C PHE A 236 -10.88 8.84 -7.20
N PRO A 237 -11.96 8.34 -6.58
CA PRO A 237 -11.73 7.37 -5.51
C PRO A 237 -11.01 6.13 -6.03
N LYS A 238 -11.34 5.69 -7.24
CA LYS A 238 -10.69 4.50 -7.81
C LYS A 238 -9.20 4.68 -8.00
N LEU A 239 -8.80 5.85 -8.49
CA LEU A 239 -7.39 6.17 -8.66
C LEU A 239 -6.67 6.17 -7.33
N LEU A 240 -7.27 6.78 -6.32
CA LEU A 240 -6.66 6.77 -4.99
C LEU A 240 -6.49 5.36 -4.43
N GLN A 241 -7.38 4.45 -4.77
CA GLN A 241 -7.25 3.10 -4.28
C GLN A 241 -6.07 2.42 -4.94
N LYS A 242 -5.83 2.75 -6.22
CA LYS A 242 -4.68 2.21 -6.94
C LYS A 242 -3.37 2.54 -6.22
N MET A 243 -3.35 3.64 -5.48
CA MET A 243 -2.15 4.04 -4.74
C MET A 243 -1.72 2.94 -3.76
N ALA A 244 -2.72 2.33 -3.11
CA ALA A 244 -2.47 1.25 -2.17
C ALA A 244 -1.94 0.03 -2.91
N ASP A 245 -2.57 -0.30 -4.03
CA ASP A 245 -2.08 -1.41 -4.86
C ASP A 245 -0.64 -1.21 -5.39
N LEU A 246 -0.31 0.02 -5.78
CA LEU A 246 1.05 0.34 -6.21
C LEU A 246 2.04 0.14 -5.05
N ARG A 247 1.62 0.50 -3.84
CA ARG A 247 2.44 0.38 -2.64
C ARG A 247 2.81 -1.07 -2.41
N GLN A 248 1.79 -1.92 -2.47
CA GLN A 248 1.93 -3.36 -2.35
C GLN A 248 2.82 -3.91 -3.47
N LEU A 249 2.59 -3.46 -4.70
CA LEU A 249 3.53 -3.78 -5.78
C LEU A 249 5.00 -3.47 -5.47
N VAL A 250 5.30 -2.26 -5.01
CA VAL A 250 6.70 -1.90 -4.79
C VAL A 250 7.32 -2.59 -3.57
N THR A 251 6.48 -2.74 -2.55
CA THR A 251 6.83 -3.45 -1.35
C THR A 251 7.22 -4.90 -1.66
N GLU A 252 6.46 -5.56 -2.53
CA GLU A 252 6.85 -6.89 -3.01
C GLU A 252 8.12 -6.82 -3.86
N HIS A 253 8.21 -5.80 -4.70
CA HIS A 253 9.38 -5.64 -5.58
C HIS A 253 10.69 -5.52 -4.80
N ALA A 254 10.64 -4.79 -3.69
CA ALA A 254 11.83 -4.61 -2.90
C ALA A 254 12.29 -5.98 -2.35
N GLN A 255 11.35 -6.82 -1.95
CA GLN A 255 11.72 -8.15 -1.48
C GLN A 255 12.29 -9.00 -2.61
N MET A 256 11.69 -8.92 -3.79
CA MET A 256 12.20 -9.62 -4.96
C MET A 256 13.62 -9.20 -5.33
N MET A 257 13.87 -7.89 -5.30
CA MET A 257 15.20 -7.38 -5.68
C MET A 257 16.26 -7.74 -4.62
N GLN A 258 15.83 -7.77 -3.36
CA GLN A 258 16.70 -8.26 -2.30
C GLN A 258 17.04 -9.73 -2.52
N ARG A 259 16.08 -10.53 -2.96
CA ARG A 259 16.35 -11.93 -3.27
C ARG A 259 17.25 -12.11 -4.49
N ILE A 260 17.07 -11.28 -5.51
CA ILE A 260 17.96 -11.29 -6.68
C ILE A 260 19.40 -11.13 -6.21
N LYS A 261 19.61 -10.12 -5.37
CA LYS A 261 20.93 -9.82 -4.86
C LYS A 261 21.52 -10.97 -4.06
N LYS A 262 20.68 -11.74 -3.37
CA LYS A 262 21.17 -12.81 -2.51
C LYS A 262 21.37 -14.14 -3.24
N THR A 263 20.53 -14.42 -4.23
CA THR A 263 20.52 -15.75 -4.86
C THR A 263 20.77 -15.72 -6.39
N GLU A 264 21.05 -14.55 -6.93
CA GLU A 264 21.42 -14.44 -8.34
C GLU A 264 22.62 -13.51 -8.43
N THR A 265 23.70 -13.87 -7.73
CA THR A 265 24.85 -13.00 -7.56
C THR A 265 25.57 -12.70 -8.87
N GLU A 266 25.36 -13.55 -9.87
CA GLU A 266 25.99 -13.31 -11.17
C GLU A 266 25.19 -12.29 -12.00
N THR A 267 23.98 -11.98 -11.54
CA THR A 267 23.15 -10.97 -12.19
C THR A 267 23.53 -9.56 -11.76
N SER A 268 24.10 -8.79 -12.67
CA SER A 268 24.49 -7.41 -12.36
C SER A 268 23.29 -6.53 -12.11
N LEU A 269 23.41 -5.63 -11.15
CA LEU A 269 22.32 -4.74 -10.84
C LEU A 269 22.81 -3.34 -11.06
N HIS A 270 22.13 -2.61 -11.93
CA HIS A 270 22.48 -1.25 -12.24
C HIS A 270 22.62 -0.44 -10.95
N PRO A 271 23.72 0.31 -10.83
CA PRO A 271 24.08 1.10 -9.64
C PRO A 271 23.03 2.13 -9.23
N LEU A 272 22.34 2.75 -10.17
CA LEU A 272 21.24 3.64 -9.82
C LEU A 272 20.13 2.83 -9.14
N LEU A 273 19.80 1.68 -9.71
CA LEU A 273 18.80 0.84 -9.07
C LEU A 273 19.29 0.33 -7.70
N GLN A 274 20.57 -0.05 -7.62
CA GLN A 274 21.14 -0.47 -6.33
C GLN A 274 20.93 0.62 -5.29
N GLU A 275 21.19 1.86 -5.68
CA GLU A 275 21.05 3.01 -4.79
C GLU A 275 19.61 3.15 -4.30
N ILE A 276 18.66 2.82 -5.18
CA ILE A 276 17.26 2.84 -4.79
C ILE A 276 16.94 1.70 -3.81
N TYR A 277 17.37 0.49 -4.12
CA TYR A 277 16.99 -0.66 -3.29
C TYR A 277 17.66 -0.62 -1.93
N LYS A 278 18.69 0.21 -1.79
CA LYS A 278 19.50 0.23 -0.58
C LYS A 278 18.71 0.71 0.62
N ASP A 279 18.57 -0.14 1.64
CA ASP A 279 17.81 0.19 2.86
C ASP A 279 16.34 0.47 2.52
N MET A 280 15.88 -0.01 1.37
CA MET A 280 14.51 0.24 0.98
C MET A 280 13.57 -0.70 1.72
N TYR A 281 12.68 -0.13 2.52
CA TYR A 281 11.82 -0.90 3.42
C TYR A 281 12.66 -1.92 4.22
N ALA B 13 -32.55 4.87 4.79
CA ALA B 13 -32.88 4.27 3.50
C ALA B 13 -31.70 4.36 2.53
N ASP B 14 -31.40 3.26 1.87
CA ASP B 14 -30.30 3.23 0.90
C ASP B 14 -29.12 3.52 1.83
N LEU B 15 -28.24 4.42 1.40
CA LEU B 15 -26.94 4.62 2.01
C LEU B 15 -27.07 4.80 3.52
N LYS B 16 -27.90 5.74 3.94
CA LYS B 16 -28.12 6.01 5.36
C LYS B 16 -28.38 4.71 6.11
N ALA B 17 -29.25 3.88 5.53
CA ALA B 17 -29.60 2.60 6.15
C ALA B 17 -28.46 1.58 6.09
N PHE B 18 -27.78 1.52 4.96
CA PHE B 18 -26.61 0.66 4.81
C PHE B 18 -25.54 1.03 5.84
N SER B 19 -25.29 2.32 6.02
CA SER B 19 -24.33 2.79 7.01
C SER B 19 -24.76 2.37 8.41
N LYS B 20 -25.99 2.70 8.77
CA LYS B 20 -26.53 2.33 10.06
C LYS B 20 -26.36 0.82 10.38
N HIS B 21 -26.62 -0.03 9.39
CA HIS B 21 -26.52 -1.48 9.58
C HIS B 21 -25.10 -1.89 9.92
N ILE B 22 -24.14 -1.44 9.12
CA ILE B 22 -22.75 -1.66 9.43
C ILE B 22 -22.41 -1.11 10.81
N TYR B 23 -22.88 0.09 11.12
CA TYR B 23 -22.64 0.67 12.45
C TYR B 23 -23.11 -0.30 13.53
N ASN B 24 -24.37 -0.72 13.41
CA ASN B 24 -24.93 -1.69 14.37
C ASN B 24 -24.13 -2.99 14.47
N ALA B 25 -23.63 -3.50 13.35
CA ALA B 25 -22.81 -4.71 13.39
C ALA B 25 -21.48 -4.43 14.10
N TYR B 26 -20.94 -3.24 13.88
CA TYR B 26 -19.74 -2.79 14.59
C TYR B 26 -19.97 -2.76 16.11
N LEU B 27 -21.04 -2.08 16.53
CA LEU B 27 -21.38 -2.01 17.96
C LEU B 27 -21.65 -3.37 18.61
N LYS B 28 -22.14 -4.34 17.82
CA LYS B 28 -22.42 -5.67 18.35
C LYS B 28 -21.15 -6.50 18.59
N ASN B 29 -20.09 -6.22 17.83
CA ASN B 29 -18.94 -7.10 17.82
C ASN B 29 -17.74 -6.59 18.58
N PHE B 30 -17.58 -5.28 18.62
CA PHE B 30 -16.46 -4.69 19.32
C PHE B 30 -16.97 -3.92 20.52
N ASN B 31 -16.68 -4.41 21.72
CA ASN B 31 -17.23 -3.76 22.91
C ASN B 31 -16.39 -2.56 23.34
N MET B 32 -15.10 -2.58 23.02
CA MET B 32 -14.28 -1.39 23.23
C MET B 32 -14.35 -0.49 22.01
N THR B 33 -15.10 0.60 22.12
CA THR B 33 -15.31 1.51 21.00
C THR B 33 -14.51 2.77 21.25
N LYS B 34 -14.45 3.63 20.25
CA LYS B 34 -13.72 4.88 20.40
C LYS B 34 -14.43 5.82 21.36
N LYS B 35 -15.75 5.76 21.37
CA LYS B 35 -16.55 6.61 22.26
C LYS B 35 -16.21 6.25 23.70
N LYS B 36 -16.30 4.97 24.02
CA LYS B 36 -15.93 4.46 25.33
C LYS B 36 -14.47 4.79 25.70
N ALA B 37 -13.52 4.42 24.85
CA ALA B 37 -12.11 4.75 25.08
C ALA B 37 -11.92 6.21 25.47
N ARG B 38 -12.57 7.12 24.76
CA ARG B 38 -12.36 8.53 24.98
C ARG B 38 -13.00 8.98 26.27
N SER B 39 -14.08 8.30 26.65
CA SER B 39 -14.76 8.54 27.91
C SER B 39 -13.83 8.24 29.08
N ILE B 40 -13.16 7.10 28.99
CA ILE B 40 -12.19 6.65 29.98
C ILE B 40 -10.95 7.53 30.01
N LEU B 41 -10.47 7.93 28.84
CA LEU B 41 -9.21 8.65 28.71
C LEU B 41 -9.29 10.10 29.16
N THR B 42 -10.48 10.68 29.10
CA THR B 42 -10.67 12.06 29.53
C THR B 42 -10.95 12.11 31.04
N GLY B 43 -11.12 10.93 31.64
CA GLY B 43 -11.44 10.85 33.05
C GLY B 43 -12.91 11.13 33.32
N LYS B 44 -13.74 10.88 32.31
CA LYS B 44 -15.15 11.23 32.34
C LYS B 44 -16.01 10.13 32.97
N HIS B 47 -13.58 7.64 37.60
CA HIS B 47 -13.43 8.36 38.90
C HIS B 47 -12.18 7.73 39.37
N THR B 48 -12.22 6.51 39.13
CA THR B 48 -11.07 5.64 39.26
C THR B 48 -10.41 5.47 37.89
N ALA B 49 -9.27 6.12 37.71
CA ALA B 49 -8.54 6.02 36.45
C ALA B 49 -8.06 4.59 36.19
N PRO B 50 -7.74 4.27 34.92
CA PRO B 50 -7.22 2.94 34.62
C PRO B 50 -5.87 2.73 35.27
N PHE B 51 -5.57 1.49 35.62
CA PHE B 51 -4.32 1.14 36.26
C PHE B 51 -3.18 1.21 35.22
N VAL B 52 -2.05 1.81 35.59
CA VAL B 52 -1.00 2.11 34.64
C VAL B 52 0.10 1.05 34.64
N ILE B 53 0.32 0.40 33.50
CA ILE B 53 1.45 -0.51 33.32
C ILE B 53 2.59 0.27 32.70
N HIS B 54 3.62 0.58 33.48
CA HIS B 54 4.71 1.38 32.94
C HIS B 54 6.08 0.75 33.19
N ASP B 55 6.07 -0.42 33.82
CA ASP B 55 7.31 -1.15 34.06
C ASP B 55 7.02 -2.59 34.43
N ILE B 56 8.06 -3.32 34.81
CA ILE B 56 7.90 -4.73 35.10
C ILE B 56 7.12 -4.97 36.40
N GLU B 57 7.32 -4.12 37.40
CA GLU B 57 6.58 -4.24 38.66
C GLU B 57 5.06 -4.08 38.49
N THR B 58 4.66 -3.04 37.77
CA THR B 58 3.25 -2.74 37.61
C THR B 58 2.56 -3.65 36.60
N LEU B 59 3.34 -4.34 35.77
CA LEU B 59 2.78 -5.32 34.85
C LEU B 59 2.41 -6.59 35.61
N TRP B 60 3.35 -7.09 36.40
CA TRP B 60 3.04 -8.18 37.31
C TRP B 60 1.83 -7.76 38.14
N GLN B 61 1.93 -6.60 38.78
CA GLN B 61 0.85 -6.10 39.61
C GLN B 61 -0.49 -6.08 38.88
N ALA B 62 -0.47 -5.68 37.61
CA ALA B 62 -1.69 -5.58 36.82
C ALA B 62 -2.22 -6.96 36.42
N GLU B 63 -1.32 -7.93 36.37
CA GLU B 63 -1.66 -9.25 35.86
C GLU B 63 -2.24 -10.20 36.89
N LYS B 64 -2.63 -9.67 38.04
CA LYS B 64 -3.46 -10.42 38.93
C LYS B 64 -4.23 -9.43 39.76
N GLY B 65 -5.32 -8.94 39.20
CA GLY B 65 -6.18 -8.06 39.94
C GLY B 65 -6.81 -6.99 39.08
N LEU B 66 -6.14 -5.85 39.02
CA LEU B 66 -6.77 -4.67 38.45
C LEU B 66 -7.00 -4.74 36.94
N VAL B 67 -6.14 -5.46 36.22
CA VAL B 67 -6.27 -5.50 34.77
C VAL B 67 -6.62 -6.90 34.24
N TRP B 68 -5.70 -7.85 34.43
CA TRP B 68 -5.99 -9.25 34.16
C TRP B 68 -6.25 -9.92 35.50
N LYS B 69 -7.24 -10.79 35.55
CA LYS B 69 -7.74 -11.25 36.82
C LYS B 69 -7.91 -12.75 36.91
N GLN B 70 -7.21 -13.50 36.05
CA GLN B 70 -7.30 -14.96 36.14
C GLN B 70 -6.15 -15.55 36.95
N LEU B 71 -6.42 -16.66 37.64
CA LEU B 71 -5.45 -17.29 38.52
C LEU B 71 -4.31 -17.93 37.75
N VAL B 72 -4.64 -18.52 36.61
CA VAL B 72 -3.63 -19.08 35.72
C VAL B 72 -3.85 -18.45 34.36
N ASN B 73 -2.84 -17.80 33.80
CA ASN B 73 -3.06 -17.01 32.59
C ASN B 73 -3.00 -17.79 31.29
N GLY B 74 -2.26 -18.89 31.28
CA GLY B 74 -2.17 -19.70 30.08
C GLY B 74 -1.38 -19.07 28.94
N LEU B 75 -0.68 -17.97 29.24
CA LEU B 75 0.28 -17.43 28.29
C LEU B 75 1.38 -18.46 28.13
N PRO B 76 1.98 -18.55 26.93
CA PRO B 76 3.15 -19.40 26.79
C PRO B 76 4.23 -18.97 27.76
N PRO B 77 5.14 -19.90 28.11
CA PRO B 77 6.28 -19.64 29.00
C PRO B 77 7.26 -18.63 28.41
N TYR B 78 7.75 -17.71 29.24
CA TYR B 78 8.66 -16.66 28.80
C TYR B 78 9.72 -16.45 29.86
N LYS B 79 10.81 -15.77 29.50
CA LYS B 79 11.95 -15.62 30.37
C LYS B 79 12.39 -14.17 30.48
N GLU B 80 11.73 -13.28 29.74
CA GLU B 80 12.09 -11.86 29.80
C GLU B 80 10.85 -10.98 29.62
N ILE B 81 10.92 -9.75 30.11
CA ILE B 81 9.78 -8.84 30.04
C ILE B 81 9.27 -8.59 28.60
N SER B 82 10.16 -8.38 27.64
CA SER B 82 9.75 -8.08 26.25
C SER B 82 8.86 -9.17 25.62
N VAL B 83 9.27 -10.42 25.76
CA VAL B 83 8.51 -11.55 25.25
C VAL B 83 7.17 -11.67 25.95
N HIS B 84 7.15 -11.32 27.24
CA HIS B 84 5.94 -11.38 28.04
C HIS B 84 4.93 -10.35 27.52
N VAL B 85 5.38 -9.13 27.34
CA VAL B 85 4.53 -8.09 26.77
C VAL B 85 4.07 -8.49 25.36
N PHE B 86 4.98 -9.06 24.57
CA PHE B 86 4.64 -9.46 23.20
C PHE B 86 3.54 -10.49 23.21
N TYR B 87 3.50 -11.33 24.24
CA TYR B 87 2.41 -12.29 24.37
C TYR B 87 1.08 -11.59 24.63
N ARG B 88 1.10 -10.54 25.45
CA ARG B 88 -0.10 -9.74 25.71
C ARG B 88 -0.55 -9.05 24.43
N CYS B 89 0.41 -8.63 23.60
CA CYS B 89 0.08 -8.01 22.32
C CYS B 89 -0.63 -9.02 21.45
N GLN B 90 -0.04 -10.20 21.32
CA GLN B 90 -0.64 -11.29 20.55
C GLN B 90 -2.06 -11.62 21.00
N CYS B 91 -2.28 -11.63 22.32
CA CYS B 91 -3.62 -11.88 22.85
C CYS B 91 -4.62 -10.86 22.34
N THR B 92 -4.29 -9.58 22.49
CA THR B 92 -5.19 -8.52 22.02
C THR B 92 -5.52 -8.64 20.53
N THR B 93 -4.52 -8.95 19.71
CA THR B 93 -4.75 -9.06 18.27
C THR B 93 -5.71 -10.21 17.96
N VAL B 94 -5.45 -11.39 18.53
CA VAL B 94 -6.35 -12.53 18.43
C VAL B 94 -7.78 -12.15 18.81
N GLU B 95 -7.93 -11.49 19.95
CA GLU B 95 -9.23 -10.99 20.38
C GLU B 95 -9.90 -10.20 19.26
N THR B 96 -9.22 -9.15 18.78
CA THR B 96 -9.78 -8.29 17.76
C THR B 96 -10.02 -9.04 16.44
N VAL B 97 -9.10 -9.95 16.10
CA VAL B 97 -9.26 -10.76 14.89
C VAL B 97 -10.57 -11.52 14.95
N ARG B 98 -10.78 -12.23 16.06
CA ARG B 98 -12.03 -12.98 16.25
C ARG B 98 -13.24 -12.09 16.05
N GLU B 99 -13.18 -10.86 16.54
CA GLU B 99 -14.32 -9.95 16.43
C GLU B 99 -14.49 -9.52 14.99
N LEU B 100 -13.37 -9.37 14.28
CA LEU B 100 -13.40 -8.96 12.88
C LEU B 100 -14.09 -10.00 12.00
N THR B 101 -13.80 -11.28 12.23
CA THR B 101 -14.41 -12.35 11.44
C THR B 101 -15.94 -12.39 11.57
N GLU B 102 -16.45 -12.15 12.78
CA GLU B 102 -17.91 -12.06 13.00
C GLU B 102 -18.55 -10.83 12.35
N PHE B 103 -17.98 -9.65 12.61
CA PHE B 103 -18.42 -8.41 11.98
C PHE B 103 -18.59 -8.59 10.47
N ALA B 104 -17.61 -9.26 9.85
CA ALA B 104 -17.63 -9.46 8.41
C ALA B 104 -18.87 -10.24 7.90
N LYS B 105 -19.43 -11.12 8.73
CA LYS B 105 -20.63 -11.85 8.34
C LYS B 105 -21.80 -10.90 8.10
N SER B 106 -21.73 -9.72 8.71
CA SER B 106 -22.80 -8.72 8.61
C SER B 106 -22.59 -7.84 7.42
N ILE B 107 -21.43 -7.97 6.77
CA ILE B 107 -21.22 -7.26 5.53
C ILE B 107 -22.04 -7.95 4.45
N PRO B 108 -23.04 -7.24 3.89
CA PRO B 108 -23.93 -7.90 2.93
C PRO B 108 -23.18 -8.58 1.77
N SER B 109 -23.56 -9.81 1.47
CA SER B 109 -22.95 -10.61 0.38
C SER B 109 -21.59 -11.19 0.71
N PHE B 110 -20.92 -10.68 1.74
CA PHE B 110 -19.61 -11.20 2.08
C PHE B 110 -19.65 -12.71 2.21
N SER B 111 -20.65 -13.22 2.93
CA SER B 111 -20.77 -14.64 3.25
C SER B 111 -21.15 -15.51 2.05
N SER B 112 -21.55 -14.88 0.96
CA SER B 112 -21.94 -15.62 -0.23
C SER B 112 -20.77 -15.75 -1.23
N LEU B 113 -19.59 -15.28 -0.84
CA LEU B 113 -18.41 -15.43 -1.68
C LEU B 113 -17.82 -16.84 -1.49
N PHE B 114 -16.94 -17.24 -2.41
CA PHE B 114 -16.17 -18.47 -2.22
C PHE B 114 -15.61 -18.43 -0.82
N LEU B 115 -15.78 -19.54 -0.09
CA LEU B 115 -15.13 -19.66 1.21
C LEU B 115 -13.64 -19.27 1.15
N ASN B 116 -12.99 -19.51 0.02
CA ASN B 116 -11.55 -19.22 -0.09
C ASN B 116 -11.29 -17.73 -0.14
N ASP B 117 -12.24 -16.99 -0.72
CA ASP B 117 -12.15 -15.55 -0.77
C ASP B 117 -12.44 -14.91 0.58
N GLN B 118 -13.46 -15.35 1.28
CA GLN B 118 -13.71 -14.89 2.64
C GLN B 118 -12.43 -15.05 3.48
N VAL B 119 -11.89 -16.27 3.48
CA VAL B 119 -10.62 -16.55 4.14
C VAL B 119 -9.55 -15.55 3.72
N THR B 120 -9.40 -15.36 2.40
CA THR B 120 -8.33 -14.54 1.84
C THR B 120 -8.49 -13.08 2.26
N LEU B 121 -9.70 -12.54 2.10
CA LEU B 121 -9.98 -11.17 2.53
C LEU B 121 -9.62 -10.97 4.00
N LEU B 122 -10.16 -11.80 4.87
CA LEU B 122 -9.88 -11.68 6.29
C LEU B 122 -8.38 -11.85 6.62
N LYS B 123 -7.73 -12.79 5.94
CA LYS B 123 -6.30 -13.02 6.16
C LYS B 123 -5.46 -11.79 5.79
N TYR B 124 -5.91 -11.05 4.77
CA TYR B 124 -5.13 -9.90 4.29
C TYR B 124 -5.65 -8.57 4.82
N GLY B 125 -6.83 -8.61 5.45
CA GLY B 125 -7.49 -7.40 5.88
C GLY B 125 -7.54 -7.17 7.38
N VAL B 126 -7.50 -8.23 8.17
CA VAL B 126 -7.69 -8.05 9.61
C VAL B 126 -6.58 -7.23 10.27
N HIS B 127 -5.35 -7.37 9.82
CA HIS B 127 -4.32 -6.50 10.38
C HIS B 127 -4.46 -5.05 9.94
N GLU B 128 -4.91 -4.82 8.72
CA GLU B 128 -5.15 -3.46 8.29
C GLU B 128 -6.24 -2.83 9.14
N ALA B 129 -7.32 -3.57 9.35
CA ALA B 129 -8.45 -3.11 10.15
C ALA B 129 -8.06 -2.86 11.59
N ILE B 130 -7.29 -3.78 12.17
CA ILE B 130 -6.83 -3.69 13.54
C ILE B 130 -5.93 -2.49 13.75
N PHE B 131 -5.14 -2.17 12.73
CA PHE B 131 -4.27 -1.00 12.84
C PHE B 131 -5.04 0.31 12.72
N ALA B 132 -6.13 0.33 11.94
CA ALA B 132 -7.01 1.48 11.89
C ALA B 132 -7.79 1.67 13.19
N MET B 133 -8.31 0.57 13.75
CA MET B 133 -9.05 0.68 15.00
C MET B 133 -8.15 0.99 16.20
N LEU B 134 -6.86 0.78 16.03
CA LEU B 134 -5.94 0.92 17.16
C LEU B 134 -5.94 2.35 17.67
N ALA B 135 -6.09 3.30 16.75
CA ALA B 135 -6.12 4.71 17.10
C ALA B 135 -7.20 5.00 18.14
N SER B 136 -8.21 4.15 18.17
CA SER B 136 -9.38 4.37 19.02
C SER B 136 -9.07 4.35 20.52
N ILE B 137 -8.07 3.55 20.88
CA ILE B 137 -7.70 3.31 22.27
C ILE B 137 -6.35 3.93 22.63
N VAL B 138 -5.86 4.79 21.75
CA VAL B 138 -4.51 5.33 21.86
C VAL B 138 -4.51 6.83 22.14
N ASN B 139 -3.55 7.28 22.94
CA ASN B 139 -3.13 8.68 22.87
C ASN B 139 -1.62 8.73 22.68
N LYS B 140 -1.02 9.91 22.66
CA LYS B 140 0.39 9.97 22.35
C LYS B 140 1.23 9.31 23.44
N ASP B 141 0.65 9.18 24.63
CA ASP B 141 1.38 8.69 25.82
C ASP B 141 1.13 7.21 26.15
N GLY B 142 0.08 6.62 25.59
CA GLY B 142 -0.16 5.20 25.78
C GLY B 142 -1.47 4.70 25.21
N LEU B 143 -1.90 3.51 25.63
CA LEU B 143 -3.13 2.91 25.10
C LEU B 143 -3.88 2.06 26.11
N LEU B 144 -5.19 1.99 25.94
CA LEU B 144 -6.07 1.22 26.81
C LEU B 144 -5.92 -0.27 26.57
N VAL B 145 -5.97 -1.05 27.65
CA VAL B 145 -5.92 -2.50 27.55
C VAL B 145 -6.99 -3.14 28.41
N ALA B 146 -7.42 -4.33 28.03
CA ALA B 146 -8.37 -5.13 28.82
C ALA B 146 -9.61 -4.36 29.18
N ASN B 147 -10.29 -3.82 28.17
CA ASN B 147 -11.50 -3.03 28.38
C ASN B 147 -11.30 -1.70 29.12
N GLY B 148 -10.14 -1.08 28.97
CA GLY B 148 -9.90 0.23 29.57
C GLY B 148 -9.70 0.15 31.07
N SER B 149 -9.57 -1.06 31.59
CA SER B 149 -9.26 -1.19 33.00
C SER B 149 -7.77 -0.91 33.21
N GLY B 150 -6.97 -1.08 32.15
CA GLY B 150 -5.55 -0.79 32.17
C GLY B 150 -5.13 0.24 31.14
N PHE B 151 -3.92 0.78 31.32
CA PHE B 151 -3.35 1.77 30.41
C PHE B 151 -1.84 1.52 30.38
N VAL B 152 -1.32 1.20 29.20
CA VAL B 152 0.09 0.86 29.04
C VAL B 152 0.78 2.06 28.44
N THR B 153 1.94 2.44 28.99
CA THR B 153 2.63 3.63 28.49
C THR B 153 3.43 3.38 27.20
N ARG B 154 3.45 4.38 26.33
CA ARG B 154 4.25 4.32 25.13
C ARG B 154 5.73 4.13 25.48
N GLU B 155 6.22 4.84 26.48
CA GLU B 155 7.61 4.70 26.83
C GLU B 155 7.96 3.32 27.36
N PHE B 156 7.04 2.72 28.13
CA PHE B 156 7.24 1.33 28.55
C PHE B 156 7.44 0.43 27.34
N LEU B 157 6.51 0.49 26.39
CA LEU B 157 6.62 -0.25 25.14
C LEU B 157 7.94 0.06 24.39
N ARG B 158 8.32 1.33 24.33
CA ARG B 158 9.59 1.65 23.67
C ARG B 158 10.81 1.07 24.38
N SER B 159 10.65 0.71 25.66
CA SER B 159 11.80 0.27 26.46
C SER B 159 12.10 -1.20 26.24
N LEU B 160 11.19 -1.92 25.59
CA LEU B 160 11.46 -3.31 25.25
C LEU B 160 12.62 -3.40 24.27
N ARG B 161 13.34 -4.52 24.30
CA ARG B 161 14.46 -4.69 23.40
C ARG B 161 13.95 -4.89 21.98
N LYS B 162 14.84 -4.73 21.00
CA LYS B 162 14.54 -5.13 19.63
C LYS B 162 14.45 -6.65 19.59
N PRO B 163 13.64 -7.21 18.69
CA PRO B 163 12.79 -6.57 17.67
C PRO B 163 11.46 -6.07 18.19
N PHE B 164 11.12 -6.33 19.45
CA PHE B 164 9.74 -6.15 19.91
C PHE B 164 9.29 -4.70 20.00
N SER B 165 10.18 -3.82 20.44
CA SER B 165 9.87 -2.40 20.43
C SER B 165 9.65 -1.93 18.99
N ASP B 166 10.48 -2.43 18.07
CA ASP B 166 10.41 -2.00 16.68
C ASP B 166 9.12 -2.47 16.01
N ILE B 167 8.62 -3.61 16.46
CA ILE B 167 7.39 -4.15 15.90
C ILE B 167 6.21 -3.26 16.27
N ILE B 168 6.26 -2.70 17.46
CA ILE B 168 5.15 -1.91 17.97
C ILE B 168 5.11 -0.46 17.50
N GLU B 169 6.24 0.24 17.55
CA GLU B 169 6.28 1.69 17.24
C GLU B 169 5.57 2.10 15.94
N PRO B 170 5.82 1.38 14.84
CA PRO B 170 5.21 1.87 13.59
C PRO B 170 3.68 1.91 13.67
N LYS B 171 3.09 0.93 14.36
CA LYS B 171 1.64 0.96 14.49
C LYS B 171 1.23 2.05 15.47
N PHE B 172 2.02 2.26 16.52
CA PHE B 172 1.67 3.31 17.46
C PHE B 172 1.60 4.64 16.74
N GLU B 173 2.62 4.91 15.92
CA GLU B 173 2.76 6.18 15.21
C GLU B 173 1.64 6.43 14.23
N PHE B 174 1.27 5.39 13.50
CA PHE B 174 0.16 5.51 12.56
C PHE B 174 -1.15 5.83 13.29
N ALA B 175 -1.43 5.12 14.39
CA ALA B 175 -2.64 5.33 15.17
C ALA B 175 -2.72 6.78 15.66
N VAL B 176 -1.63 7.25 16.27
CA VAL B 176 -1.60 8.62 16.75
C VAL B 176 -1.94 9.62 15.64
N LYS B 177 -1.33 9.45 14.47
CA LYS B 177 -1.56 10.37 13.36
C LYS B 177 -2.97 10.23 12.78
N PHE B 178 -3.45 8.99 12.68
CA PHE B 178 -4.81 8.68 12.23
C PHE B 178 -5.85 9.44 13.04
N ASN B 179 -5.60 9.61 14.33
CA ASN B 179 -6.49 10.38 15.17
C ASN B 179 -6.78 11.84 14.74
N ALA B 180 -5.90 12.42 13.92
CA ALA B 180 -6.12 13.79 13.47
C ALA B 180 -7.28 13.88 12.48
N LEU B 181 -7.72 12.74 11.95
CA LEU B 181 -8.90 12.71 11.10
C LEU B 181 -10.20 12.87 11.90
N GLU B 182 -10.13 12.63 13.21
CA GLU B 182 -11.28 12.84 14.11
C GLU B 182 -12.49 11.95 13.80
N LEU B 183 -12.25 10.71 13.38
CA LEU B 183 -13.37 9.81 13.08
C LEU B 183 -14.10 9.38 14.35
N ASP B 184 -15.35 8.98 14.19
CA ASP B 184 -16.06 8.32 15.28
C ASP B 184 -16.32 6.88 14.86
N ASP B 185 -16.99 6.14 15.74
CA ASP B 185 -17.25 4.74 15.52
C ASP B 185 -18.08 4.43 14.26
N SER B 186 -19.07 5.27 13.96
CA SER B 186 -19.86 5.06 12.76
C SER B 186 -19.03 5.23 11.49
N ASP B 187 -18.10 6.17 11.46
CA ASP B 187 -17.16 6.28 10.35
C ASP B 187 -16.29 5.03 10.26
N LEU B 188 -15.62 4.69 11.37
CA LEU B 188 -14.74 3.53 11.39
C LEU B 188 -15.42 2.24 10.95
N ALA B 189 -16.66 2.06 11.37
CA ALA B 189 -17.46 0.90 10.98
C ALA B 189 -17.37 0.71 9.46
N LEU B 190 -17.77 1.73 8.72
CA LEU B 190 -17.67 1.68 7.26
C LEU B 190 -16.23 1.53 6.76
N PHE B 191 -15.30 2.26 7.37
CA PHE B 191 -13.90 2.19 6.96
C PHE B 191 -13.32 0.78 7.06
N ILE B 192 -13.54 0.11 8.17
CA ILE B 192 -13.02 -1.24 8.30
C ILE B 192 -13.70 -2.22 7.33
N ALA B 193 -15.01 -2.06 7.11
CA ALA B 193 -15.69 -2.84 6.08
C ALA B 193 -14.98 -2.70 4.74
N ALA B 194 -14.80 -1.47 4.28
CA ALA B 194 -14.09 -1.22 3.02
C ALA B 194 -12.70 -1.84 3.01
N ILE B 195 -12.01 -1.81 4.15
CA ILE B 195 -10.67 -2.39 4.24
C ILE B 195 -10.75 -3.88 3.96
N ILE B 196 -11.75 -4.53 4.53
CA ILE B 196 -11.87 -5.97 4.40
C ILE B 196 -12.23 -6.39 2.98
N LEU B 197 -13.06 -5.60 2.31
CA LEU B 197 -13.49 -5.90 0.94
C LEU B 197 -12.58 -5.34 -0.16
N CYS B 198 -11.28 -5.45 0.05
CA CYS B 198 -10.29 -5.00 -0.91
C CYS B 198 -10.04 -6.08 -1.97
N GLY B 199 -10.09 -5.70 -3.24
CA GLY B 199 -9.96 -6.65 -4.33
C GLY B 199 -8.55 -6.97 -4.81
N ASP B 200 -7.54 -6.45 -4.10
CA ASP B 200 -6.14 -6.63 -4.52
C ASP B 200 -5.39 -7.62 -3.64
N ARG B 201 -6.11 -8.34 -2.79
CA ARG B 201 -5.49 -9.31 -1.91
C ARG B 201 -4.93 -10.44 -2.76
N PRO B 202 -3.68 -10.85 -2.47
CA PRO B 202 -3.08 -11.95 -3.23
C PRO B 202 -3.97 -13.18 -3.15
N GLY B 203 -4.27 -13.80 -4.30
CA GLY B 203 -4.99 -15.05 -4.32
C GLY B 203 -6.51 -15.01 -4.42
N LEU B 204 -7.12 -13.83 -4.41
CA LEU B 204 -8.58 -13.74 -4.59
C LEU B 204 -8.99 -14.42 -5.89
N MET B 205 -10.06 -15.20 -5.84
CA MET B 205 -10.54 -15.91 -7.04
C MET B 205 -11.59 -15.15 -7.85
N ASN B 206 -12.42 -14.36 -7.19
CA ASN B 206 -13.43 -13.59 -7.90
C ASN B 206 -13.36 -12.10 -7.53
N VAL B 207 -12.40 -11.40 -8.12
CA VAL B 207 -12.19 -9.99 -7.83
C VAL B 207 -13.40 -9.11 -8.18
N PRO B 208 -13.98 -9.30 -9.37
CA PRO B 208 -15.16 -8.47 -9.71
C PRO B 208 -16.24 -8.50 -8.65
N ARG B 209 -16.52 -9.67 -8.08
CA ARG B 209 -17.52 -9.76 -7.02
C ARG B 209 -17.05 -9.01 -5.76
N VAL B 210 -15.80 -9.22 -5.35
CA VAL B 210 -15.26 -8.56 -4.17
C VAL B 210 -15.31 -7.02 -4.30
N GLU B 211 -14.93 -6.52 -5.48
CA GLU B 211 -14.93 -5.10 -5.77
C GLU B 211 -16.36 -4.52 -5.87
N ALA B 212 -17.31 -5.32 -6.35
CA ALA B 212 -18.70 -4.89 -6.41
C ALA B 212 -19.24 -4.64 -5.01
N ILE B 213 -18.85 -5.50 -4.08
CA ILE B 213 -19.28 -5.34 -2.69
C ILE B 213 -18.57 -4.14 -2.06
N GLN B 214 -17.27 -4.00 -2.33
CA GLN B 214 -16.53 -2.85 -1.81
C GLN B 214 -17.11 -1.52 -2.27
N ASP B 215 -17.58 -1.48 -3.51
CA ASP B 215 -18.21 -0.28 -4.06
C ASP B 215 -19.42 0.11 -3.23
N THR B 216 -20.27 -0.86 -2.88
CA THR B 216 -21.43 -0.53 -2.07
C THR B 216 -20.98 0.12 -0.75
N ILE B 217 -19.97 -0.46 -0.12
CA ILE B 217 -19.41 0.09 1.11
C ILE B 217 -18.86 1.51 0.90
N LEU B 218 -18.14 1.71 -0.19
CA LEU B 218 -17.49 2.99 -0.45
C LEU B 218 -18.50 4.10 -0.71
N ARG B 219 -19.59 3.73 -1.38
CA ARG B 219 -20.65 4.66 -1.65
C ARG B 219 -21.30 5.12 -0.35
N ALA B 220 -21.49 4.18 0.57
CA ALA B 220 -22.07 4.52 1.87
C ALA B 220 -21.08 5.38 2.63
N LEU B 221 -19.81 5.00 2.57
CA LEU B 221 -18.78 5.70 3.32
C LEU B 221 -18.68 7.16 2.92
N GLU B 222 -18.62 7.42 1.62
CA GLU B 222 -18.50 8.78 1.18
C GLU B 222 -19.76 9.56 1.55
N PHE B 223 -20.91 8.91 1.41
CA PHE B 223 -22.17 9.52 1.81
C PHE B 223 -22.12 9.86 3.30
N HIS B 224 -21.76 8.86 4.10
CA HIS B 224 -21.69 9.02 5.54
C HIS B 224 -20.75 10.17 5.95
N LEU B 225 -19.50 10.11 5.51
CA LEU B 225 -18.54 11.16 5.83
C LEU B 225 -19.11 12.56 5.55
N GLN B 226 -19.79 12.71 4.43
CA GLN B 226 -20.32 14.03 4.07
C GLN B 226 -21.36 14.48 5.09
N ALA B 227 -22.29 13.57 5.42
CA ALA B 227 -23.31 13.85 6.42
C ALA B 227 -22.74 14.06 7.83
N ASN B 228 -21.70 13.32 8.18
CA ASN B 228 -21.15 13.33 9.53
C ASN B 228 -20.06 14.39 9.77
N HIS B 229 -19.42 14.83 8.70
CA HIS B 229 -18.39 15.86 8.81
C HIS B 229 -18.44 16.75 7.59
N PRO B 230 -19.49 17.58 7.47
CA PRO B 230 -19.66 18.48 6.32
C PRO B 230 -18.58 19.54 6.26
N ASP B 231 -17.96 19.86 7.40
CA ASP B 231 -16.89 20.85 7.48
C ASP B 231 -15.53 20.32 7.00
N ALA B 232 -15.43 19.00 6.85
CA ALA B 232 -14.16 18.39 6.45
C ALA B 232 -14.25 17.94 5.00
N GLN B 233 -14.03 18.88 4.08
CA GLN B 233 -14.23 18.61 2.65
C GLN B 233 -13.54 17.34 2.21
N TYR B 234 -12.25 17.23 2.50
CA TYR B 234 -11.43 16.20 1.89
C TYR B 234 -11.17 15.02 2.81
N LEU B 235 -12.13 14.75 3.70
CA LEU B 235 -12.03 13.61 4.59
C LEU B 235 -12.06 12.29 3.84
N PHE B 236 -12.93 12.17 2.84
CA PHE B 236 -13.02 10.91 2.10
C PHE B 236 -11.73 10.51 1.39
N PRO B 237 -11.16 11.40 0.56
CA PRO B 237 -9.91 11.04 -0.09
C PRO B 237 -8.79 10.79 0.91
N LYS B 238 -8.79 11.53 2.02
CA LYS B 238 -7.75 11.37 3.03
C LYS B 238 -7.81 9.99 3.64
N LEU B 239 -9.02 9.48 3.86
CA LEU B 239 -9.20 8.10 4.32
C LEU B 239 -8.72 7.11 3.28
N LEU B 240 -9.11 7.30 2.03
CA LEU B 240 -8.66 6.38 0.99
C LEU B 240 -7.13 6.25 0.96
N GLN B 241 -6.42 7.35 1.13
CA GLN B 241 -4.96 7.32 1.13
C GLN B 241 -4.37 6.58 2.33
N LYS B 242 -5.08 6.56 3.47
CA LYS B 242 -4.65 5.80 4.65
C LYS B 242 -4.62 4.31 4.34
N MET B 243 -5.37 3.91 3.32
CA MET B 243 -5.42 2.52 2.92
C MET B 243 -4.06 2.07 2.41
N ALA B 244 -3.42 2.91 1.62
CA ALA B 244 -2.07 2.65 1.15
C ALA B 244 -1.09 2.65 2.32
N ASP B 245 -1.30 3.55 3.28
CA ASP B 245 -0.46 3.52 4.49
C ASP B 245 -0.66 2.25 5.31
N LEU B 246 -1.90 1.79 5.41
CA LEU B 246 -2.18 0.56 6.12
C LEU B 246 -1.56 -0.64 5.42
N ARG B 247 -1.65 -0.65 4.08
CA ARG B 247 -1.09 -1.72 3.24
C ARG B 247 0.41 -1.85 3.49
N GLN B 248 1.06 -0.68 3.57
CA GLN B 248 2.46 -0.58 3.94
C GLN B 248 2.74 -1.04 5.38
N LEU B 249 1.89 -0.65 6.34
CA LEU B 249 2.04 -1.18 7.70
C LEU B 249 2.08 -2.70 7.76
N VAL B 250 1.16 -3.36 7.07
CA VAL B 250 1.02 -4.79 7.22
C VAL B 250 2.07 -5.61 6.44
N THR B 251 2.48 -5.05 5.31
CA THR B 251 3.51 -5.61 4.49
C THR B 251 4.84 -5.58 5.27
N GLU B 252 5.08 -4.50 5.99
CA GLU B 252 6.22 -4.43 6.90
C GLU B 252 6.07 -5.47 8.01
N HIS B 253 4.87 -5.52 8.60
CA HIS B 253 4.58 -6.40 9.74
C HIS B 253 4.80 -7.87 9.44
N ALA B 254 4.43 -8.28 8.23
CA ALA B 254 4.54 -9.66 7.83
C ALA B 254 6.01 -10.06 7.77
N GLN B 255 6.85 -9.17 7.25
CA GLN B 255 8.30 -9.38 7.27
C GLN B 255 8.85 -9.46 8.70
N MET B 256 8.45 -8.51 9.54
CA MET B 256 8.77 -8.53 10.97
C MET B 256 8.38 -9.85 11.62
N MET B 257 7.19 -10.36 11.30
CA MET B 257 6.74 -11.60 11.92
C MET B 257 7.53 -12.81 11.40
N GLN B 258 7.91 -12.77 10.13
CA GLN B 258 8.80 -13.79 9.59
C GLN B 258 10.19 -13.76 10.24
N ARG B 259 10.68 -12.57 10.62
CA ARG B 259 11.96 -12.51 11.34
C ARG B 259 11.86 -13.03 12.77
N ILE B 260 10.73 -12.74 13.42
CA ILE B 260 10.39 -13.31 14.72
C ILE B 260 10.44 -14.84 14.69
N LYS B 261 9.78 -15.43 13.70
CA LYS B 261 9.79 -16.89 13.55
C LYS B 261 11.20 -17.44 13.34
N LYS B 262 12.04 -16.72 12.61
CA LYS B 262 13.38 -17.20 12.27
C LYS B 262 14.41 -16.95 13.36
N THR B 263 14.39 -15.76 13.97
CA THR B 263 15.44 -15.37 14.93
C THR B 263 15.00 -15.37 16.41
N GLU B 264 13.69 -15.27 16.67
CA GLU B 264 13.18 -15.34 18.04
C GLU B 264 12.44 -16.66 18.27
N THR B 265 13.13 -17.77 18.03
CA THR B 265 12.49 -19.11 18.02
C THR B 265 11.88 -19.57 19.35
N GLU B 266 12.34 -19.01 20.45
CA GLU B 266 11.72 -19.30 21.75
C GLU B 266 10.47 -18.46 22.03
N THR B 267 10.19 -17.49 21.16
CA THR B 267 8.96 -16.70 21.27
C THR B 267 7.85 -17.46 20.56
N SER B 268 6.89 -17.97 21.33
CA SER B 268 5.75 -18.65 20.74
C SER B 268 4.88 -17.65 19.97
N LEU B 269 4.26 -18.16 18.92
CA LEU B 269 3.32 -17.38 18.15
C LEU B 269 1.98 -18.09 18.23
N HIS B 270 0.97 -17.37 18.68
CA HIS B 270 -0.37 -17.87 18.74
C HIS B 270 -0.70 -18.52 17.39
N PRO B 271 -1.37 -19.69 17.43
CA PRO B 271 -1.75 -20.52 16.28
C PRO B 271 -2.70 -19.82 15.30
N LEU B 272 -3.67 -19.08 15.79
CA LEU B 272 -4.52 -18.29 14.90
C LEU B 272 -3.61 -17.32 14.13
N LEU B 273 -2.64 -16.70 14.81
CA LEU B 273 -1.77 -15.73 14.16
C LEU B 273 -0.79 -16.38 13.18
N GLN B 274 -0.30 -17.57 13.52
CA GLN B 274 0.56 -18.32 12.60
C GLN B 274 -0.17 -18.60 11.29
N GLU B 275 -1.45 -18.94 11.40
CA GLU B 275 -2.26 -19.25 10.23
C GLU B 275 -2.41 -18.02 9.34
N ILE B 276 -2.49 -16.85 9.97
CA ILE B 276 -2.47 -15.61 9.21
C ILE B 276 -1.12 -15.38 8.49
N TYR B 277 -0.01 -15.47 9.21
CA TYR B 277 1.28 -15.13 8.62
C TYR B 277 1.75 -16.16 7.57
N LYS B 278 1.09 -17.31 7.54
CA LYS B 278 1.53 -18.41 6.67
C LYS B 278 1.30 -18.11 5.20
N ASP B 279 2.38 -18.10 4.43
CA ASP B 279 2.33 -17.76 3.01
C ASP B 279 1.82 -16.34 2.79
N MET B 280 1.96 -15.48 3.80
CA MET B 280 1.48 -14.10 3.68
C MET B 280 2.48 -13.20 2.96
N TYR B 281 2.07 -12.66 1.82
CA TYR B 281 2.99 -11.90 0.96
C TYR B 281 4.25 -12.70 0.65
#